data_4CZH
#
_entry.id   4CZH
#
_cell.length_a   50.618
_cell.length_b   73.739
_cell.length_c   53.700
_cell.angle_alpha   90.00
_cell.angle_beta   102.38
_cell.angle_gamma   90.00
#
_symmetry.space_group_name_H-M   'P 1 21 1'
#
loop_
_entity.id
_entity.type
_entity.pdbx_description
1 polymer 'ROD SHAPE-DETERMINING PROTEIN MREB'
2 non-polymer '4-chlorobenzyl carbamimidothioate'
3 non-polymer "ADENOSINE-5'-DIPHOSPHATE"
4 non-polymer 'MAGNESIUM ION'
5 water water
#
_entity_poly.entity_id   1
_entity_poly.type   'polypeptide(L)'
_entity_poly.pdbx_seq_one_letter_code
;MISNDIAIDLGTANTLIYQKGKGIVLNEPSVVALRNVGGRKVVHAVGIEAKQMLGRTPGHMEAIRPMRDGVIADFEVAEE
MIKYFIRKVHNRKGSGNPKVIVCVPSGATAVERRAINDSCLNAGARRVGLIDEPMAAAIGAGLPIHEPTGSMVVDIGGGT
TEVAVLSLSGIVYSRSVRVGGDKMDEAIISYMRRHHNLLIGETTAERIKKEIGTARAPADGEGLSIDVKGRDLMQGVPRE
VRISEKQAADALAEPVGQIVEAVKVALEATPPELASDIADKGIMLTGGGALLRGLDAEIRDHTGLPVTVADDPLSCVALG
CGKVLEHPKWMKGVLESTLAGSHHHHHH
;
_entity_poly.pdbx_strand_id   A
#
# COMPACT_ATOMS: atom_id res chain seq x y z
N ILE A 2 1.87 -27.08 -14.00
CA ILE A 2 0.78 -26.32 -13.37
C ILE A 2 0.83 -26.39 -11.83
N SER A 3 1.13 -25.26 -11.20
CA SER A 3 1.38 -25.23 -9.76
C SER A 3 0.40 -24.35 -9.02
N ASN A 4 0.17 -24.71 -7.76
CA ASN A 4 -0.58 -23.85 -6.84
C ASN A 4 0.35 -22.99 -5.94
N ASP A 5 1.64 -22.99 -6.25
CA ASP A 5 2.59 -22.15 -5.49
C ASP A 5 2.28 -20.66 -5.77
N ILE A 6 2.30 -19.85 -4.73
CA ILE A 6 1.90 -18.43 -4.86
C ILE A 6 2.82 -17.53 -4.03
N ALA A 7 2.91 -16.26 -4.42
CA ALA A 7 3.60 -15.22 -3.64
C ALA A 7 2.54 -14.14 -3.37
N ILE A 8 2.42 -13.70 -2.13
CA ILE A 8 1.36 -12.75 -1.75
C ILE A 8 1.94 -11.42 -1.26
N ASP A 9 1.44 -10.34 -1.85
CA ASP A 9 1.61 -8.97 -1.35
C ASP A 9 0.37 -8.64 -0.56
N LEU A 10 0.46 -8.72 0.75
CA LEU A 10 -0.69 -8.49 1.62
C LEU A 10 -0.65 -7.04 2.07
N GLY A 11 -1.10 -6.15 1.19
CA GLY A 11 -0.92 -4.73 1.44
C GLY A 11 -1.99 -4.10 2.33
N THR A 12 -1.67 -2.93 2.86
CA THR A 12 -2.60 -2.20 3.73
C THR A 12 -3.87 -1.85 3.00
N ALA A 13 -3.78 -1.66 1.68
CA ALA A 13 -4.91 -1.24 0.86
C ALA A 13 -5.23 -2.19 -0.26
N ASN A 14 -4.22 -2.84 -0.85
CA ASN A 14 -4.44 -3.80 -1.92
C ASN A 14 -3.69 -5.11 -1.68
N THR A 15 -4.33 -6.21 -2.01
CA THR A 15 -3.64 -7.54 -1.95
C THR A 15 -3.41 -8.08 -3.36
N LEU A 16 -2.19 -8.48 -3.67
CA LEU A 16 -1.88 -9.06 -4.97
C LEU A 16 -1.37 -10.47 -4.74
N ILE A 17 -1.73 -11.41 -5.62
CA ILE A 17 -1.15 -12.76 -5.62
C ILE A 17 -0.53 -13.07 -6.98
N TYR A 18 0.69 -13.58 -6.92
CA TYR A 18 1.43 -14.04 -8.08
C TYR A 18 1.44 -15.56 -7.97
N GLN A 19 1.03 -16.22 -9.05
CA GLN A 19 0.99 -17.69 -9.02
C GLN A 19 2.14 -18.19 -9.89
N LYS A 20 2.86 -19.19 -9.38
CA LYS A 20 4.04 -19.73 -10.09
C LYS A 20 3.62 -20.19 -11.48
N GLY A 21 4.37 -19.76 -12.49
CA GLY A 21 4.08 -20.09 -13.87
C GLY A 21 2.99 -19.25 -14.52
N LYS A 22 2.29 -18.42 -13.76
CA LYS A 22 1.20 -17.62 -14.34
C LYS A 22 1.48 -16.11 -14.30
N GLY A 23 1.86 -15.61 -13.14
CA GLY A 23 2.05 -14.18 -12.97
C GLY A 23 0.98 -13.71 -12.00
N ILE A 24 0.68 -12.41 -12.05
CA ILE A 24 -0.29 -11.82 -11.13
C ILE A 24 -1.70 -12.24 -11.52
N VAL A 25 -2.32 -13.03 -10.65
CA VAL A 25 -3.66 -13.56 -10.93
C VAL A 25 -4.76 -12.95 -10.06
N LEU A 26 -4.39 -12.17 -9.04
CA LEU A 26 -5.39 -11.48 -8.22
C LEU A 26 -4.88 -10.12 -7.78
N ASN A 27 -5.74 -9.09 -7.80
CA ASN A 27 -5.36 -7.75 -7.36
C ASN A 27 -6.61 -7.04 -6.86
N GLU A 28 -6.86 -7.06 -5.54
CA GLU A 28 -8.17 -6.62 -4.98
C GLU A 28 -7.96 -5.86 -3.69
N PRO A 29 -8.91 -4.98 -3.31
CA PRO A 29 -8.72 -4.25 -2.07
C PRO A 29 -8.65 -5.16 -0.88
N SER A 30 -7.82 -4.74 0.06
CA SER A 30 -7.62 -5.46 1.29
C SER A 30 -8.74 -5.10 2.24
N VAL A 31 -9.93 -5.46 1.85
CA VAL A 31 -11.15 -5.03 2.61
C VAL A 31 -12.07 -6.23 2.84
N VAL A 32 -12.66 -6.32 4.04
CA VAL A 32 -13.61 -7.36 4.37
C VAL A 32 -14.88 -6.67 4.86
N ALA A 33 -16.03 -7.10 4.34
CA ALA A 33 -17.34 -6.65 4.87
C ALA A 33 -17.93 -7.74 5.75
N LEU A 34 -18.44 -7.34 6.92
CA LEU A 34 -19.01 -8.28 7.90
C LEU A 34 -20.47 -7.91 8.11
N ARG A 35 -21.27 -8.90 8.40
CA ARG A 35 -22.70 -8.69 8.62
C ARG A 35 -23.00 -9.16 10.02
N ASN A 36 -23.65 -8.35 10.84
CA ASN A 36 -24.03 -8.80 12.17
C ASN A 36 -25.21 -9.78 12.07
N VAL A 37 -25.03 -11.04 12.43
CA VAL A 37 -26.15 -11.98 12.43
C VAL A 37 -26.22 -12.65 13.78
N GLY A 38 -27.37 -12.52 14.44
CA GLY A 38 -27.44 -12.82 15.86
C GLY A 38 -26.60 -11.76 16.54
N GLY A 39 -25.66 -12.20 17.36
CA GLY A 39 -24.66 -11.33 17.95
C GLY A 39 -23.26 -11.66 17.47
N ARG A 40 -23.16 -12.38 16.36
CA ARG A 40 -21.86 -12.68 15.77
C ARG A 40 -21.70 -11.93 14.44
N LYS A 41 -20.47 -11.91 13.95
CA LYS A 41 -20.18 -11.29 12.66
C LYS A 41 -19.83 -12.37 11.66
N VAL A 42 -20.50 -12.33 10.51
CA VAL A 42 -20.27 -13.29 9.44
C VAL A 42 -19.62 -12.54 8.30
N VAL A 43 -18.73 -13.23 7.56
CA VAL A 43 -18.06 -12.62 6.43
C VAL A 43 -19.07 -12.48 5.31
N HIS A 44 -19.25 -11.25 4.85
CA HIS A 44 -20.28 -10.92 3.87
C HIS A 44 -19.66 -10.78 2.50
N ALA A 45 -18.49 -10.12 2.41
CA ALA A 45 -17.80 -9.96 1.14
C ALA A 45 -16.31 -9.69 1.46
N VAL A 46 -15.44 -9.99 0.50
CA VAL A 46 -14.01 -9.69 0.63
C VAL A 46 -13.54 -9.08 -0.70
N GLY A 47 -12.67 -8.07 -0.68
CA GLY A 47 -12.10 -7.61 -1.94
C GLY A 47 -12.89 -6.49 -2.58
N ILE A 48 -13.02 -6.55 -3.90
CA ILE A 48 -13.60 -5.48 -4.67
C ILE A 48 -15.02 -5.06 -4.14
N GLU A 49 -15.88 -6.03 -3.89
CA GLU A 49 -17.24 -5.66 -3.44
C GLU A 49 -17.21 -5.02 -2.05
N ALA A 50 -16.30 -5.46 -1.18
CA ALA A 50 -16.26 -4.93 0.16
C ALA A 50 -15.79 -3.47 0.14
N LYS A 51 -14.88 -3.12 -0.76
CA LYS A 51 -14.36 -1.75 -0.80
C LYS A 51 -15.51 -0.83 -1.23
N GLN A 52 -16.35 -1.37 -2.09
CA GLN A 52 -17.47 -0.57 -2.60
C GLN A 52 -18.46 -0.25 -1.47
N MET A 53 -18.40 -1.04 -0.39
CA MET A 53 -19.30 -0.80 0.76
C MET A 53 -18.74 0.23 1.75
N LEU A 54 -17.44 0.56 1.69
CA LEU A 54 -16.95 1.63 2.57
C LEU A 54 -17.79 2.92 2.40
N GLY A 55 -18.34 3.37 3.54
CA GLY A 55 -19.11 4.58 3.60
C GLY A 55 -20.55 4.34 3.16
N ARG A 56 -20.93 3.09 2.84
CA ARG A 56 -22.28 2.84 2.30
C ARG A 56 -23.00 1.70 3.02
N THR A 57 -22.61 1.40 4.24
CA THR A 57 -23.12 0.19 4.86
C THR A 57 -24.43 0.52 5.64
N PRO A 58 -25.39 -0.43 5.63
CA PRO A 58 -26.52 -0.46 6.57
C PRO A 58 -25.96 -0.72 7.96
N GLY A 59 -26.82 -0.56 8.97
CA GLY A 59 -26.41 -0.53 10.35
C GLY A 59 -25.84 -1.85 10.80
N HIS A 60 -26.24 -2.93 10.14
CA HIS A 60 -25.94 -4.28 10.61
C HIS A 60 -24.71 -4.83 9.85
N MET A 61 -24.03 -3.95 9.11
CA MET A 61 -22.84 -4.36 8.37
C MET A 61 -21.70 -3.38 8.54
N GLU A 62 -20.47 -3.81 8.32
CA GLU A 62 -19.38 -2.84 8.38
C GLU A 62 -18.32 -3.27 7.34
N ALA A 63 -17.50 -2.34 6.87
CA ALA A 63 -16.42 -2.68 5.95
C ALA A 63 -15.13 -2.30 6.62
N ILE A 64 -14.21 -3.27 6.71
CA ILE A 64 -13.00 -3.12 7.53
C ILE A 64 -11.80 -3.34 6.62
N ARG A 65 -10.76 -2.56 6.85
CA ARG A 65 -9.45 -2.87 6.31
C ARG A 65 -8.54 -3.47 7.42
N PRO A 66 -8.35 -4.79 7.46
CA PRO A 66 -7.73 -5.32 8.66
C PRO A 66 -6.21 -5.04 8.72
N MET A 67 -5.66 -4.45 7.68
CA MET A 67 -4.19 -4.16 7.65
C MET A 67 -3.99 -2.67 7.48
N ARG A 68 -5.00 -1.87 7.77
CA ARG A 68 -5.07 -0.48 7.34
C ARG A 68 -3.86 0.37 7.70
N ASP A 69 -3.29 0.17 8.87
CA ASP A 69 -2.24 1.02 9.36
C ASP A 69 -0.86 0.34 9.29
N GLY A 70 -0.77 -0.79 8.59
CA GLY A 70 0.52 -1.48 8.47
C GLY A 70 0.77 -2.51 9.59
N VAL A 71 -0.24 -2.67 10.44
CA VAL A 71 -0.27 -3.68 11.48
C VAL A 71 -1.55 -4.51 11.33
N ILE A 72 -1.55 -5.73 11.84
CA ILE A 72 -2.77 -6.54 11.80
C ILE A 72 -3.72 -6.01 12.88
N ALA A 73 -4.84 -5.41 12.46
CA ALA A 73 -5.80 -4.80 13.41
C ALA A 73 -6.73 -5.84 14.02
N ASP A 74 -6.96 -6.89 13.30
CA ASP A 74 -7.96 -7.89 13.71
C ASP A 74 -7.52 -9.21 13.06
N PHE A 75 -6.99 -10.13 13.88
CA PHE A 75 -6.39 -11.34 13.37
C PHE A 75 -7.40 -12.23 12.69
N GLU A 76 -8.62 -12.31 13.22
CA GLU A 76 -9.57 -13.23 12.63
C GLU A 76 -10.00 -12.69 11.27
N VAL A 77 -10.22 -11.37 11.17
CA VAL A 77 -10.65 -10.77 9.91
C VAL A 77 -9.49 -10.81 8.89
N ALA A 78 -8.27 -10.59 9.36
CA ALA A 78 -7.17 -10.70 8.41
C ALA A 78 -7.02 -12.17 7.91
N GLU A 79 -7.18 -13.14 8.80
CA GLU A 79 -7.06 -14.53 8.37
C GLU A 79 -8.23 -14.92 7.42
N GLU A 80 -9.45 -14.47 7.71
CA GLU A 80 -10.49 -14.69 6.72
C GLU A 80 -10.20 -14.04 5.38
N MET A 81 -9.63 -12.83 5.38
CA MET A 81 -9.26 -12.16 4.14
C MET A 81 -8.22 -12.98 3.35
N ILE A 82 -7.15 -13.44 4.03
CA ILE A 82 -6.12 -14.24 3.37
C ILE A 82 -6.66 -15.58 2.81
N LYS A 83 -7.46 -16.29 3.60
CA LYS A 83 -8.04 -17.58 3.19
C LYS A 83 -8.93 -17.35 1.97
N TYR A 84 -9.71 -16.26 1.97
CA TYR A 84 -10.54 -16.01 0.83
C TYR A 84 -9.70 -15.84 -0.44
N PHE A 85 -8.60 -15.07 -0.41
CA PHE A 85 -7.90 -14.76 -1.63
C PHE A 85 -7.15 -15.99 -2.10
N ILE A 86 -6.52 -16.71 -1.17
CA ILE A 86 -5.75 -17.94 -1.48
C ILE A 86 -6.68 -18.99 -2.14
N ARG A 87 -7.83 -19.20 -1.50
CA ARG A 87 -8.87 -20.11 -2.03
C ARG A 87 -9.32 -19.67 -3.42
N LYS A 88 -9.40 -18.36 -3.66
CA LYS A 88 -9.98 -17.85 -4.89
C LYS A 88 -9.11 -18.18 -6.10
N VAL A 89 -7.80 -18.28 -5.89
CA VAL A 89 -6.87 -18.50 -7.00
C VAL A 89 -6.45 -19.98 -7.10
N HIS A 90 -7.00 -20.83 -6.24
CA HIS A 90 -6.60 -22.23 -6.25
C HIS A 90 -7.00 -22.86 -7.58
N ASN A 91 -6.08 -23.64 -8.12
CA ASN A 91 -6.24 -24.22 -9.44
C ASN A 91 -6.34 -25.73 -9.27
N ARG A 92 -7.54 -26.32 -9.38
CA ARG A 92 -7.70 -27.77 -9.10
C ARG A 92 -6.85 -28.67 -10.03
N LYS A 93 -6.39 -28.11 -11.15
CA LYS A 93 -5.55 -28.86 -12.08
C LYS A 93 -4.10 -28.91 -11.65
N GLY A 94 -3.71 -28.05 -10.72
CA GLY A 94 -2.32 -27.95 -10.32
C GLY A 94 -1.98 -28.86 -9.16
N SER A 95 -0.69 -28.91 -8.85
CA SER A 95 -0.21 -29.76 -7.77
C SER A 95 -0.66 -29.24 -6.42
N GLY A 96 -0.67 -30.13 -5.44
CA GLY A 96 -1.05 -29.78 -4.08
C GLY A 96 0.20 -29.38 -3.34
N ASN A 97 0.14 -29.45 -2.02
CA ASN A 97 1.26 -29.08 -1.15
C ASN A 97 1.82 -27.73 -1.56
N PRO A 98 0.95 -26.71 -1.64
CA PRO A 98 1.45 -25.41 -2.14
C PRO A 98 2.42 -24.76 -1.19
N LYS A 99 3.47 -24.22 -1.80
CA LYS A 99 4.44 -23.37 -1.14
C LYS A 99 3.99 -21.93 -1.32
N VAL A 100 3.94 -21.20 -0.22
CA VAL A 100 3.42 -19.86 -0.25
C VAL A 100 4.49 -18.94 0.25
N ILE A 101 4.73 -17.86 -0.49
CA ILE A 101 5.65 -16.83 -0.02
C ILE A 101 4.78 -15.61 0.29
N VAL A 102 4.98 -15.00 1.46
CA VAL A 102 4.32 -13.74 1.78
C VAL A 102 5.32 -12.67 2.11
N CYS A 103 5.10 -11.49 1.59
CA CYS A 103 6.01 -10.36 1.88
C CYS A 103 5.69 -9.75 3.23
N VAL A 104 6.72 -9.37 3.96
CA VAL A 104 6.54 -8.86 5.29
C VAL A 104 7.34 -7.55 5.44
N PRO A 105 6.66 -6.47 5.83
CA PRO A 105 7.34 -5.20 6.12
C PRO A 105 8.33 -5.27 7.29
N SER A 106 9.34 -4.41 7.28
CA SER A 106 10.40 -4.51 8.26
C SER A 106 9.88 -4.46 9.69
N GLY A 107 8.83 -3.68 9.95
CA GLY A 107 8.25 -3.50 11.27
C GLY A 107 7.34 -4.61 11.79
N ALA A 108 6.96 -5.55 10.94
CA ALA A 108 6.08 -6.64 11.39
C ALA A 108 6.69 -7.35 12.59
N THR A 109 5.83 -7.65 13.55
CA THR A 109 6.25 -8.26 14.78
C THR A 109 6.34 -9.80 14.66
N ALA A 110 7.02 -10.44 15.60
CA ALA A 110 7.03 -11.90 15.60
C ALA A 110 5.60 -12.43 15.66
N VAL A 111 4.78 -11.78 16.45
CA VAL A 111 3.36 -12.20 16.58
C VAL A 111 2.66 -12.12 15.23
N GLU A 112 2.86 -11.03 14.52
CA GLU A 112 2.18 -10.90 13.24
C GLU A 112 2.70 -11.88 12.19
N ARG A 113 4.02 -12.09 12.15
CA ARG A 113 4.61 -13.07 11.24
C ARG A 113 4.08 -14.48 11.51
N ARG A 114 4.00 -14.84 12.78
CA ARG A 114 3.42 -16.13 13.12
C ARG A 114 1.97 -16.25 12.62
N ALA A 115 1.20 -15.17 12.81
CA ALA A 115 -0.22 -15.20 12.46
C ALA A 115 -0.41 -15.31 10.94
N ILE A 116 0.40 -14.61 10.18
CA ILE A 116 0.37 -14.76 8.71
C ILE A 116 0.76 -16.21 8.32
N ASN A 117 1.80 -16.75 8.94
CA ASN A 117 2.23 -18.13 8.69
C ASN A 117 1.03 -19.04 8.89
N ASP A 118 0.44 -18.97 10.07
CA ASP A 118 -0.68 -19.84 10.40
C ASP A 118 -1.86 -19.63 9.50
N SER A 119 -2.16 -18.39 9.11
CA SER A 119 -3.30 -18.18 8.18
C SER A 119 -3.10 -18.90 6.87
N CYS A 120 -1.87 -18.91 6.40
CA CYS A 120 -1.58 -19.56 5.15
C CYS A 120 -1.66 -21.06 5.33
N LEU A 121 -1.20 -21.58 6.49
CA LEU A 121 -1.31 -23.03 6.73
C LEU A 121 -2.78 -23.42 6.76
N ASN A 122 -3.57 -22.69 7.55
CA ASN A 122 -5.00 -22.93 7.63
C ASN A 122 -5.71 -22.79 6.27
N ALA A 123 -5.14 -22.00 5.35
CA ALA A 123 -5.68 -21.90 3.99
C ALA A 123 -5.20 -23.01 3.05
N GLY A 124 -4.34 -23.89 3.54
CA GLY A 124 -3.96 -25.05 2.76
C GLY A 124 -2.50 -25.09 2.37
N ALA A 125 -1.72 -24.07 2.73
CA ALA A 125 -0.29 -24.11 2.41
C ALA A 125 0.36 -25.29 3.11
N ARG A 126 1.31 -25.94 2.45
CA ARG A 126 2.09 -26.98 3.11
C ARG A 126 3.37 -26.37 3.69
N ARG A 127 3.92 -25.35 3.04
CA ARG A 127 5.07 -24.67 3.58
C ARG A 127 4.94 -23.17 3.35
N VAL A 128 5.42 -22.36 4.29
CA VAL A 128 5.27 -20.91 4.16
C VAL A 128 6.60 -20.26 4.34
N GLY A 129 6.90 -19.29 3.49
CA GLY A 129 8.17 -18.62 3.57
C GLY A 129 7.86 -17.14 3.61
N LEU A 130 8.52 -16.41 4.48
CA LEU A 130 8.31 -14.98 4.54
C LEU A 130 9.52 -14.29 3.96
N ILE A 131 9.28 -13.26 3.15
CA ILE A 131 10.38 -12.52 2.56
C ILE A 131 10.23 -11.04 2.88
N ASP A 132 11.37 -10.41 3.09
CA ASP A 132 11.35 -9.00 3.43
C ASP A 132 10.73 -8.17 2.32
N GLU A 133 9.72 -7.37 2.65
CA GLU A 133 9.01 -6.64 1.64
C GLU A 133 9.87 -5.64 0.86
N PRO A 134 10.83 -4.99 1.54
CA PRO A 134 11.56 -4.02 0.73
C PRO A 134 12.46 -4.75 -0.23
N MET A 135 12.90 -5.99 0.04
CA MET A 135 13.67 -6.73 -0.95
C MET A 135 12.77 -7.02 -2.12
N ALA A 136 11.52 -7.43 -1.86
CA ALA A 136 10.56 -7.64 -2.92
C ALA A 136 10.34 -6.38 -3.78
N ALA A 137 10.09 -5.25 -3.14
CA ALA A 137 9.85 -3.98 -3.85
C ALA A 137 11.03 -3.68 -4.73
N ALA A 138 12.23 -3.77 -4.16
CA ALA A 138 13.45 -3.44 -4.91
C ALA A 138 13.59 -4.33 -6.14
N ILE A 139 13.40 -5.63 -5.94
CA ILE A 139 13.48 -6.57 -7.05
C ILE A 139 12.46 -6.25 -8.11
N GLY A 140 11.21 -6.02 -7.71
CA GLY A 140 10.17 -5.82 -8.70
C GLY A 140 10.38 -4.49 -9.40
N ALA A 141 11.07 -3.56 -8.74
CA ALA A 141 11.39 -2.27 -9.37
C ALA A 141 12.62 -2.33 -10.30
N GLY A 142 13.22 -3.51 -10.44
CA GLY A 142 14.38 -3.66 -11.34
C GLY A 142 15.71 -3.19 -10.78
N LEU A 143 15.75 -2.91 -9.48
CA LEU A 143 17.04 -2.54 -8.85
C LEU A 143 18.00 -3.73 -8.86
N PRO A 144 19.28 -3.44 -9.19
CA PRO A 144 20.32 -4.47 -9.22
C PRO A 144 20.79 -4.72 -7.78
N ILE A 145 19.92 -5.35 -6.99
CA ILE A 145 20.06 -5.51 -5.54
C ILE A 145 21.14 -6.51 -5.15
N HIS A 146 21.75 -7.10 -6.17
CA HIS A 146 22.81 -8.08 -5.98
C HIS A 146 24.16 -7.36 -5.92
N GLU A 147 24.25 -6.24 -6.62
CA GLU A 147 25.45 -5.40 -6.61
C GLU A 147 25.74 -4.90 -5.21
N PRO A 148 27.03 -4.63 -4.94
CA PRO A 148 27.48 -4.12 -3.64
C PRO A 148 27.01 -2.69 -3.32
N THR A 149 26.86 -1.82 -4.31
CA THR A 149 26.57 -0.43 -4.03
C THR A 149 25.12 -0.35 -3.47
N GLY A 150 24.91 0.48 -2.45
CA GLY A 150 23.55 0.58 -1.87
C GLY A 150 22.52 1.19 -2.77
N SER A 151 21.28 0.74 -2.55
CA SER A 151 20.13 1.31 -3.27
C SER A 151 19.16 1.73 -2.18
N MET A 152 18.42 2.82 -2.39
CA MET A 152 17.37 3.22 -1.46
C MET A 152 16.06 3.15 -2.20
N VAL A 153 15.12 2.48 -1.57
CA VAL A 153 13.76 2.35 -2.12
C VAL A 153 12.83 3.05 -1.14
N VAL A 154 11.85 3.80 -1.68
CA VAL A 154 10.89 4.52 -0.83
C VAL A 154 9.55 4.00 -1.35
N ASP A 155 8.86 3.24 -0.51
CA ASP A 155 7.68 2.52 -0.97
C ASP A 155 6.50 3.19 -0.29
N ILE A 156 5.68 3.93 -1.06
CA ILE A 156 4.61 4.71 -0.46
C ILE A 156 3.33 3.94 -0.72
N GLY A 157 2.79 3.38 0.33
CA GLY A 157 1.58 2.58 0.24
C GLY A 157 0.38 3.33 0.79
N GLY A 158 -0.63 2.58 1.16
CA GLY A 158 -1.84 3.18 1.74
C GLY A 158 -1.57 3.67 3.15
N GLY A 159 -1.36 2.74 4.07
CA GLY A 159 -1.22 3.06 5.49
C GLY A 159 0.19 3.45 5.99
N THR A 160 1.21 3.12 5.22
CA THR A 160 2.61 3.42 5.58
C THR A 160 3.45 3.79 4.36
N THR A 161 4.60 4.41 4.66
CA THR A 161 5.70 4.55 3.74
C THR A 161 6.85 3.82 4.38
N GLU A 162 7.47 2.96 3.57
CA GLU A 162 8.54 2.12 4.09
C GLU A 162 9.80 2.58 3.34
N VAL A 163 10.86 2.92 4.05
CA VAL A 163 12.09 3.34 3.36
C VAL A 163 13.17 2.34 3.70
N ALA A 164 13.94 1.90 2.70
CA ALA A 164 15.03 0.96 3.02
C ALA A 164 16.24 1.23 2.17
N VAL A 165 17.39 0.91 2.75
CA VAL A 165 18.66 0.87 1.98
C VAL A 165 19.10 -0.59 1.86
N LEU A 166 19.37 -1.05 0.64
CA LEU A 166 19.69 -2.46 0.37
C LEU A 166 21.08 -2.56 -0.25
N SER A 167 21.74 -3.70 -0.11
CA SER A 167 23.09 -3.91 -0.64
C SER A 167 23.39 -5.40 -0.61
N LEU A 168 23.96 -5.93 -1.68
CA LEU A 168 24.37 -7.34 -1.74
C LEU A 168 23.25 -8.25 -1.23
N SER A 169 22.07 -8.12 -1.82
CA SER A 169 20.95 -9.01 -1.53
C SER A 169 20.56 -9.02 -0.03
N GLY A 170 20.78 -7.89 0.66
CA GLY A 170 20.45 -7.72 2.07
C GLY A 170 19.92 -6.30 2.39
N ILE A 171 19.07 -6.15 3.41
CA ILE A 171 18.62 -4.82 3.87
C ILE A 171 19.56 -4.30 4.96
N VAL A 172 20.14 -3.11 4.76
CA VAL A 172 20.97 -2.46 5.80
C VAL A 172 20.25 -1.51 6.73
N TYR A 173 19.20 -0.83 6.22
CA TYR A 173 18.52 0.10 7.02
C TYR A 173 17.04 0.02 6.59
N SER A 174 16.15 0.19 7.53
CA SER A 174 14.71 0.32 7.15
C SER A 174 13.92 1.10 8.20
N ARG A 175 12.98 1.93 7.76
CA ARG A 175 12.18 2.70 8.68
C ARG A 175 10.77 2.83 8.06
N SER A 176 9.78 2.81 8.94
CA SER A 176 8.37 2.89 8.55
C SER A 176 7.71 4.07 9.25
N VAL A 177 6.85 4.78 8.53
CA VAL A 177 6.10 5.81 9.17
C VAL A 177 4.66 5.67 8.66
N ARG A 178 3.72 6.04 9.50
CA ARG A 178 2.34 5.99 9.12
C ARG A 178 1.96 7.23 8.30
N VAL A 179 2.63 7.47 7.17
CA VAL A 179 2.10 8.47 6.21
C VAL A 179 2.17 7.88 4.83
N GLY A 180 1.20 8.16 4.01
CA GLY A 180 1.15 7.49 2.75
C GLY A 180 -0.18 7.88 2.16
N GLY A 181 -0.70 7.00 1.35
CA GLY A 181 -1.93 7.27 0.59
C GLY A 181 -3.13 7.62 1.43
N ASP A 182 -3.27 6.93 2.55
CA ASP A 182 -4.43 7.20 3.40
C ASP A 182 -4.39 8.62 4.04
N LYS A 183 -3.22 9.09 4.44
CA LYS A 183 -3.14 10.38 5.09
C LYS A 183 -3.38 11.46 4.06
N MET A 184 -3.01 11.15 2.83
CA MET A 184 -3.30 12.07 1.72
C MET A 184 -4.83 12.14 1.60
N ASP A 185 -5.50 10.99 1.54
CA ASP A 185 -6.99 11.04 1.50
C ASP A 185 -7.59 11.81 2.66
N GLU A 186 -7.10 11.54 3.86
CA GLU A 186 -7.63 12.16 5.07
C GLU A 186 -7.39 13.66 5.04
N ALA A 187 -6.23 14.06 4.50
CA ALA A 187 -5.98 15.50 4.30
C ALA A 187 -6.99 16.17 3.38
N ILE A 188 -7.35 15.51 2.29
CA ILE A 188 -8.39 16.03 1.38
C ILE A 188 -9.73 16.06 2.11
N ILE A 189 -10.06 15.04 2.89
CA ILE A 189 -11.28 15.11 3.74
C ILE A 189 -11.32 16.36 4.64
N SER A 190 -10.23 16.56 5.37
CA SER A 190 -10.17 17.61 6.30
C SER A 190 -10.25 18.95 5.55
N TYR A 191 -9.59 19.01 4.39
CA TYR A 191 -9.59 20.25 3.56
C TYR A 191 -11.03 20.62 3.17
N MET A 192 -11.75 19.63 2.66
CA MET A 192 -13.12 19.87 2.12
C MET A 192 -14.01 20.35 3.26
N ARG A 193 -13.84 19.75 4.44
CA ARG A 193 -14.63 20.11 5.58
C ARG A 193 -14.39 21.53 6.02
N ARG A 194 -13.12 21.90 6.19
CA ARG A 194 -12.78 23.16 6.82
C ARG A 194 -12.92 24.26 5.78
N HIS A 195 -12.57 23.97 4.54
CA HIS A 195 -12.55 25.03 3.53
C HIS A 195 -13.84 25.14 2.70
N HIS A 196 -14.63 24.07 2.61
CA HIS A 196 -15.79 24.09 1.77
C HIS A 196 -17.03 23.63 2.47
N ASN A 197 -16.89 23.41 3.77
CA ASN A 197 -17.99 22.94 4.65
C ASN A 197 -18.73 21.75 4.03
N LEU A 198 -17.95 20.85 3.44
CA LEU A 198 -18.48 19.69 2.74
C LEU A 198 -17.79 18.45 3.31
N LEU A 199 -18.59 17.49 3.74
CA LEU A 199 -18.14 16.25 4.30
C LEU A 199 -18.11 15.20 3.21
N ILE A 200 -16.95 14.60 2.94
CA ILE A 200 -16.81 13.61 1.87
C ILE A 200 -16.36 12.27 2.45
N GLY A 201 -16.63 11.20 1.72
CA GLY A 201 -16.31 9.86 2.18
C GLY A 201 -14.90 9.52 1.74
N GLU A 202 -14.37 8.41 2.23
CA GLU A 202 -12.96 8.10 1.95
C GLU A 202 -12.73 7.65 0.50
N THR A 203 -13.73 7.01 -0.11
CA THR A 203 -13.63 6.60 -1.48
C THR A 203 -13.71 7.79 -2.45
N THR A 204 -14.58 8.75 -2.16
CA THR A 204 -14.57 10.03 -2.89
C THR A 204 -13.17 10.73 -2.75
N ALA A 205 -12.69 10.80 -1.51
CA ALA A 205 -11.41 11.47 -1.25
C ALA A 205 -10.31 10.81 -2.10
N GLU A 206 -10.26 9.48 -2.16
CA GLU A 206 -9.24 8.82 -2.98
C GLU A 206 -9.40 9.19 -4.47
N ARG A 207 -10.66 9.30 -4.94
CA ARG A 207 -10.92 9.66 -6.33
C ARG A 207 -10.39 11.06 -6.60
N ILE A 208 -10.56 11.99 -5.67
CA ILE A 208 -10.14 13.34 -5.88
C ILE A 208 -8.60 13.34 -5.98
N LYS A 209 -8.01 12.58 -5.08
CA LYS A 209 -6.55 12.46 -5.11
C LYS A 209 -5.99 11.97 -6.45
N LYS A 210 -6.56 10.91 -6.98
CA LYS A 210 -6.15 10.39 -8.28
C LYS A 210 -6.40 11.41 -9.41
N GLU A 211 -7.57 12.04 -9.43
CA GLU A 211 -7.91 12.90 -10.56
C GLU A 211 -7.17 14.21 -10.57
N ILE A 212 -7.09 14.90 -9.44
CA ILE A 212 -6.46 16.22 -9.40
C ILE A 212 -5.35 16.42 -8.35
N GLY A 213 -5.03 15.37 -7.60
CA GLY A 213 -4.05 15.51 -6.54
C GLY A 213 -2.66 15.73 -7.16
N THR A 214 -1.89 16.52 -6.47
CA THR A 214 -0.52 16.85 -6.90
C THR A 214 0.26 17.30 -5.71
N ALA A 215 1.60 17.11 -5.74
CA ALA A 215 2.47 17.54 -4.68
C ALA A 215 2.94 18.99 -4.87
N ARG A 216 2.56 19.61 -5.99
CA ARG A 216 2.96 21.01 -6.21
C ARG A 216 1.96 21.81 -6.99
N ALA A 217 1.72 23.04 -6.56
CA ALA A 217 0.71 23.87 -7.20
C ALA A 217 0.93 24.01 -8.71
N PRO A 218 -0.12 24.43 -9.43
CA PRO A 218 0.04 24.72 -10.87
C PRO A 218 0.59 26.11 -11.07
N GLY A 223 -5.07 25.75 -11.73
CA GLY A 223 -5.07 24.68 -12.73
C GLY A 223 -6.47 24.17 -13.03
N LEU A 224 -6.62 22.85 -13.28
CA LEU A 224 -7.89 22.25 -13.70
C LEU A 224 -8.82 22.03 -12.50
N SER A 225 -10.12 21.84 -12.74
CA SER A 225 -11.10 21.64 -11.65
C SER A 225 -12.03 20.44 -11.87
N ILE A 226 -12.61 19.91 -10.79
CA ILE A 226 -13.54 18.82 -10.93
C ILE A 226 -14.69 19.09 -9.97
N ASP A 227 -15.79 18.38 -10.13
CA ASP A 227 -16.90 18.57 -9.22
C ASP A 227 -16.68 17.61 -8.09
N VAL A 228 -16.97 18.04 -6.88
CA VAL A 228 -16.88 17.15 -5.73
C VAL A 228 -18.25 17.14 -5.03
N LYS A 229 -18.79 15.96 -4.82
CA LYS A 229 -20.10 15.89 -4.15
C LYS A 229 -19.97 15.26 -2.76
N GLY A 230 -20.86 15.69 -1.86
CA GLY A 230 -20.85 15.14 -0.53
C GLY A 230 -22.01 15.62 0.36
N ARG A 231 -21.80 15.56 1.67
CA ARG A 231 -22.79 15.93 2.66
C ARG A 231 -22.48 17.33 3.18
N ASP A 232 -23.49 18.19 3.18
CA ASP A 232 -23.26 19.50 3.79
C ASP A 232 -22.90 19.37 5.29
N LEU A 233 -21.87 20.08 5.73
CA LEU A 233 -21.46 20.04 7.13
C LEU A 233 -22.54 20.41 8.18
N MET A 234 -23.12 21.58 8.07
CA MET A 234 -23.94 22.07 9.17
C MET A 234 -25.36 21.52 9.13
N GLN A 235 -25.87 21.32 7.92
CA GLN A 235 -27.28 21.01 7.72
C GLN A 235 -27.51 19.60 7.16
N GLY A 236 -26.46 18.96 6.65
CA GLY A 236 -26.56 17.55 6.33
C GLY A 236 -27.19 17.11 5.02
N VAL A 237 -27.58 18.04 4.12
CA VAL A 237 -28.14 17.61 2.81
C VAL A 237 -27.04 17.52 1.72
N PRO A 238 -27.19 16.62 0.74
CA PRO A 238 -26.13 16.48 -0.27
C PRO A 238 -25.99 17.71 -1.15
N ARG A 239 -24.75 18.05 -1.51
CA ARG A 239 -24.53 19.13 -2.48
C ARG A 239 -23.17 18.99 -3.12
N GLU A 240 -22.79 19.98 -3.94
CA GLU A 240 -21.48 19.82 -4.60
C GLU A 240 -20.75 21.11 -4.83
N VAL A 241 -19.43 21.00 -4.96
CA VAL A 241 -18.65 22.19 -5.04
C VAL A 241 -17.54 21.90 -6.00
N ARG A 242 -16.90 22.93 -6.52
CA ARG A 242 -15.88 22.68 -7.53
C ARG A 242 -14.55 22.89 -6.84
N ILE A 243 -13.58 22.06 -7.18
CA ILE A 243 -12.29 22.11 -6.50
C ILE A 243 -11.22 22.02 -7.54
N SER A 244 -10.19 22.83 -7.34
CA SER A 244 -9.06 22.93 -8.28
C SER A 244 -7.80 22.15 -7.91
N GLU A 245 -6.93 21.97 -8.89
CA GLU A 245 -5.59 21.42 -8.64
C GLU A 245 -4.85 22.26 -7.59
N LYS A 246 -4.93 23.59 -7.65
CA LYS A 246 -4.28 24.36 -6.61
C LYS A 246 -4.83 24.01 -5.26
N GLN A 247 -6.15 23.85 -5.17
CA GLN A 247 -6.70 23.60 -3.87
C GLN A 247 -6.24 22.20 -3.39
N ALA A 248 -6.20 21.26 -4.30
CA ALA A 248 -5.79 19.89 -3.95
C ALA A 248 -4.34 19.90 -3.48
N ALA A 249 -3.50 20.69 -4.16
CA ALA A 249 -2.13 20.84 -3.69
C ALA A 249 -2.05 21.39 -2.26
N ASP A 250 -2.81 22.46 -1.98
CA ASP A 250 -2.90 23.00 -0.64
C ASP A 250 -3.29 21.90 0.37
N ALA A 251 -4.33 21.16 0.03
CA ALA A 251 -4.81 20.10 0.91
C ALA A 251 -3.76 19.03 1.21
N LEU A 252 -2.90 18.72 0.24
CA LEU A 252 -1.96 17.57 0.34
C LEU A 252 -0.60 17.96 0.89
N ALA A 253 -0.41 19.25 1.08
CA ALA A 253 0.91 19.76 1.40
C ALA A 253 1.42 19.16 2.70
N GLU A 254 0.59 19.03 3.71
CA GLU A 254 1.08 18.48 4.96
C GLU A 254 1.52 17.01 4.85
N PRO A 255 0.65 16.10 4.37
CA PRO A 255 1.13 14.71 4.29
C PRO A 255 2.31 14.57 3.29
N VAL A 256 2.39 15.42 2.26
CA VAL A 256 3.48 15.33 1.31
C VAL A 256 4.76 15.68 2.06
N GLY A 257 4.70 16.73 2.89
CA GLY A 257 5.84 17.16 3.68
C GLY A 257 6.31 16.08 4.66
N GLN A 258 5.37 15.26 5.17
CA GLN A 258 5.68 14.24 6.12
C GLN A 258 6.35 13.04 5.45
N ILE A 259 6.01 12.77 4.18
CA ILE A 259 6.71 11.78 3.38
C ILE A 259 8.13 12.27 3.10
N VAL A 260 8.23 13.54 2.72
CA VAL A 260 9.57 14.10 2.44
C VAL A 260 10.41 13.98 3.70
N GLU A 261 9.84 14.30 4.85
CA GLU A 261 10.61 14.19 6.10
C GLU A 261 11.02 12.74 6.46
N ALA A 262 10.15 11.77 6.24
CA ALA A 262 10.51 10.37 6.39
C ALA A 262 11.70 10.02 5.49
N VAL A 263 11.76 10.57 4.28
CA VAL A 263 12.86 10.26 3.38
C VAL A 263 14.12 10.90 3.97
N LYS A 264 14.02 12.15 4.42
CA LYS A 264 15.20 12.82 4.99
C LYS A 264 15.74 12.08 6.21
N VAL A 265 14.85 11.68 7.10
CA VAL A 265 15.28 10.95 8.27
C VAL A 265 16.10 9.71 7.88
N ALA A 266 15.65 8.97 6.86
CA ALA A 266 16.33 7.73 6.48
C ALA A 266 17.68 8.11 5.91
N LEU A 267 17.70 9.18 5.12
CA LEU A 267 18.94 9.57 4.49
C LEU A 267 19.98 9.92 5.57
N GLU A 268 19.49 10.53 6.65
CA GLU A 268 20.36 11.11 7.69
C GLU A 268 20.99 9.97 8.54
N ALA A 269 20.49 8.76 8.38
CA ALA A 269 20.98 7.60 9.09
C ALA A 269 22.00 6.80 8.24
N THR A 270 22.26 7.25 7.01
CA THR A 270 22.98 6.43 6.07
C THR A 270 24.49 6.62 6.32
N PRO A 271 25.26 5.55 6.50
CA PRO A 271 26.68 5.78 6.78
C PRO A 271 27.41 6.24 5.53
N PRO A 272 28.67 6.71 5.70
CA PRO A 272 29.40 7.39 4.61
C PRO A 272 29.47 6.63 3.28
N GLU A 273 29.80 5.34 3.26
CA GLU A 273 30.00 4.67 1.97
C GLU A 273 28.65 4.43 1.28
N LEU A 274 27.67 4.03 2.03
CA LEU A 274 26.30 3.97 1.46
C LEU A 274 25.77 5.37 1.04
N ALA A 275 26.13 6.42 1.76
CA ALA A 275 25.72 7.79 1.40
C ALA A 275 26.33 8.15 0.03
N SER A 276 27.60 7.81 -0.17
CA SER A 276 28.19 8.06 -1.45
C SER A 276 27.47 7.26 -2.55
N ASP A 277 27.08 6.00 -2.24
CA ASP A 277 26.39 5.21 -3.21
C ASP A 277 25.04 5.87 -3.59
N ILE A 278 24.26 6.30 -2.58
CA ILE A 278 22.90 6.84 -2.81
C ILE A 278 23.01 8.21 -3.48
N ALA A 279 24.09 8.96 -3.22
CA ALA A 279 24.21 10.29 -3.80
C ALA A 279 24.43 10.15 -5.30
N ASP A 280 24.90 8.97 -5.72
CA ASP A 280 25.10 8.70 -7.13
C ASP A 280 23.83 8.27 -7.83
N LYS A 281 23.23 7.19 -7.33
CA LYS A 281 22.13 6.53 -7.99
C LYS A 281 20.78 7.17 -7.61
N GLY A 282 20.77 7.95 -6.53
CA GLY A 282 19.51 8.47 -5.96
C GLY A 282 18.54 7.43 -5.41
N ILE A 283 17.25 7.79 -5.47
CA ILE A 283 16.19 7.15 -4.68
C ILE A 283 15.17 6.57 -5.65
N MET A 284 14.70 5.36 -5.42
CA MET A 284 13.67 4.79 -6.30
C MET A 284 12.33 4.86 -5.56
N LEU A 285 11.28 5.43 -6.16
CA LEU A 285 9.94 5.41 -5.51
C LEU A 285 9.10 4.23 -6.00
N THR A 286 8.47 3.51 -5.07
CA THR A 286 7.50 2.49 -5.45
C THR A 286 6.22 2.73 -4.64
N GLY A 287 5.26 1.82 -4.83
CA GLY A 287 3.93 1.86 -4.19
C GLY A 287 2.99 2.81 -4.88
N GLY A 288 1.70 2.68 -4.60
CA GLY A 288 0.75 3.49 -5.32
C GLY A 288 0.89 4.98 -5.01
N GLY A 289 1.41 5.31 -3.84
CA GLY A 289 1.61 6.70 -3.48
C GLY A 289 2.62 7.40 -4.41
N ALA A 290 3.50 6.62 -5.04
CA ALA A 290 4.51 7.18 -5.96
C ALA A 290 3.86 7.78 -7.20
N LEU A 291 2.58 7.45 -7.41
CA LEU A 291 1.84 7.97 -8.55
C LEU A 291 1.32 9.39 -8.33
N LEU A 292 1.46 9.91 -7.12
CA LEU A 292 1.04 11.28 -6.85
C LEU A 292 1.83 12.27 -7.69
N ARG A 293 1.13 13.00 -8.55
CA ARG A 293 1.90 13.85 -9.48
C ARG A 293 2.84 14.77 -8.74
N GLY A 294 4.11 14.78 -9.16
CA GLY A 294 5.03 15.74 -8.59
C GLY A 294 5.69 15.35 -7.29
N LEU A 295 5.33 14.18 -6.72
CA LEU A 295 5.96 13.76 -5.46
C LEU A 295 7.44 13.50 -5.71
N ASP A 296 7.76 12.91 -6.85
CA ASP A 296 9.19 12.72 -7.16
C ASP A 296 10.00 14.05 -7.16
N ALA A 297 9.44 15.12 -7.69
CA ALA A 297 10.13 16.40 -7.77
C ALA A 297 10.25 17.03 -6.40
N GLU A 298 9.22 16.81 -5.57
CA GLU A 298 9.24 17.38 -4.25
C GLU A 298 10.40 16.76 -3.48
N ILE A 299 10.52 15.44 -3.58
CA ILE A 299 11.57 14.71 -2.86
C ILE A 299 12.95 15.14 -3.43
N ARG A 300 13.06 15.21 -4.76
CA ARG A 300 14.32 15.70 -5.38
C ARG A 300 14.72 17.05 -4.82
N ASP A 301 13.75 17.95 -4.73
CA ASP A 301 14.05 19.33 -4.39
C ASP A 301 14.52 19.41 -2.96
N HIS A 302 13.98 18.54 -2.10
CA HIS A 302 14.28 18.67 -0.68
C HIS A 302 15.50 17.84 -0.26
N THR A 303 15.89 16.91 -1.11
CA THR A 303 17.03 16.03 -0.77
C THR A 303 18.27 16.36 -1.59
N GLY A 304 18.11 17.03 -2.74
CA GLY A 304 19.22 17.25 -3.65
C GLY A 304 19.66 16.02 -4.45
N LEU A 305 18.90 14.94 -4.35
CA LEU A 305 19.24 13.69 -4.97
C LEU A 305 18.30 13.35 -6.10
N PRO A 306 18.80 12.57 -7.06
CA PRO A 306 17.93 12.11 -8.13
C PRO A 306 16.81 11.25 -7.58
N VAL A 307 15.61 11.36 -8.17
CA VAL A 307 14.46 10.56 -7.76
C VAL A 307 13.81 10.01 -8.99
N THR A 308 13.68 8.69 -9.01
CA THR A 308 13.12 7.93 -10.08
C THR A 308 11.85 7.24 -9.58
N VAL A 309 10.79 7.15 -10.43
CA VAL A 309 9.57 6.40 -10.08
C VAL A 309 9.59 5.03 -10.77
N ALA A 310 9.37 3.95 -10.03
CA ALA A 310 9.43 2.63 -10.64
C ALA A 310 8.39 2.53 -11.74
N ASP A 311 8.68 1.70 -12.73
CA ASP A 311 7.65 1.27 -13.66
C ASP A 311 6.57 0.52 -12.88
N ASP A 312 5.29 0.78 -13.13
CA ASP A 312 4.24 -0.04 -12.48
C ASP A 312 4.35 -0.08 -10.93
N PRO A 313 4.35 1.09 -10.29
CA PRO A 313 4.61 1.10 -8.85
C PRO A 313 3.66 0.27 -7.98
N LEU A 314 2.43 0.03 -8.42
CA LEU A 314 1.47 -0.69 -7.58
C LEU A 314 1.79 -2.18 -7.52
N SER A 315 2.48 -2.67 -8.55
CA SER A 315 2.74 -4.11 -8.67
C SER A 315 4.19 -4.52 -8.32
N CYS A 316 5.05 -3.59 -7.94
CA CYS A 316 6.49 -3.91 -7.76
C CYS A 316 6.70 -5.03 -6.76
N VAL A 317 6.03 -4.93 -5.61
CA VAL A 317 6.18 -5.91 -4.58
C VAL A 317 5.75 -7.30 -5.08
N ALA A 318 4.56 -7.42 -5.70
CA ALA A 318 4.11 -8.72 -6.23
C ALA A 318 5.07 -9.25 -7.31
N LEU A 319 5.50 -8.40 -8.23
CA LEU A 319 6.46 -8.80 -9.27
C LEU A 319 7.76 -9.31 -8.64
N GLY A 320 8.25 -8.60 -7.63
CA GLY A 320 9.48 -9.04 -6.98
C GLY A 320 9.38 -10.37 -6.27
N CYS A 321 8.33 -10.59 -5.49
CA CYS A 321 8.25 -11.86 -4.76
C CYS A 321 7.92 -12.96 -5.76
N GLY A 322 7.29 -12.58 -6.87
CA GLY A 322 6.99 -13.48 -7.96
C GLY A 322 8.31 -14.04 -8.49
N LYS A 323 9.23 -13.14 -8.80
CA LYS A 323 10.55 -13.54 -9.29
C LYS A 323 11.22 -14.50 -8.33
N VAL A 324 11.07 -14.26 -7.04
CA VAL A 324 11.71 -15.11 -6.05
C VAL A 324 11.07 -16.50 -6.10
N LEU A 325 9.74 -16.54 -6.22
CA LEU A 325 9.02 -17.79 -6.27
C LEU A 325 9.48 -18.66 -7.48
N GLU A 326 9.75 -18.03 -8.62
CA GLU A 326 10.20 -18.74 -9.83
C GLU A 326 11.68 -19.15 -9.77
N HIS A 327 12.35 -19.02 -8.63
CA HIS A 327 13.80 -19.21 -8.58
C HIS A 327 14.19 -19.80 -7.23
#